data_6TW7
#
_entry.id   6TW7
#
_cell.length_a   48.379
_cell.length_b   91.899
_cell.length_c   53.609
_cell.angle_alpha   90.000
_cell.angle_beta   113.697
_cell.angle_gamma   90.000
#
_symmetry.space_group_name_H-M   'P 1 21 1'
#
loop_
_entity.id
_entity.type
_entity.pdbx_description
1 polymer 'Glycylpeptide N-tetradecanoyltransferase'
2 non-polymer TETRADECANOYL-COA
3 non-polymer 'MAGNESIUM ION'
4 non-polymer [(5-{4-fluoro-2-[2-(pyridin-3-yl)ethoxy]phenyl}-1H-indazol-3-yl)methyl]dimethylamine
5 water water
#
_entity_poly.entity_id   1
_entity_poly.type   'polypeptide(L)'
_entity_poly.pdbx_seq_one_letter_code
;NPSNSDAAHAFWSTQPVPQTEDETEKIVFAGPMDEPKTVADIPEEPYPIASTFEWWTPNMEAADDIHAIYELLRDNYVED
DDSMFRFNYSEEFLQWALCPPNYIPDWHVAVRRKADKKLLAFIAGVPVTLRMGTPKYMKVKAQEKGEGEEAAKYDEPRHI
CEINFLCVHKQLREKRLAPILIKEATRRVNRTNVWQAVYTAGVLLPTPYASGQYFHRSLNPEKLVEIRFSGIPAQYQKFQ
NPMAMLKRNYQLPSAPKNSGLREMKPSDVPQVRRILMNYLDSFDVGPVFSDAEISHYLLPRDGVVFTYVVENDKKVTDFF
SFYRIPSTVIGNSNYNLLNAAYVHYYAATSIPLHQLILDLLIVAHSRGFDVCNMVEILDNRSFVEQLKFGAGDGHLRYYF
YNWAYPKIKPSQVALVML
;
_entity_poly.pdbx_strand_id   AAA
#
loop_
_chem_comp.id
_chem_comp.type
_chem_comp.name
_chem_comp.formula
MG non-polymer 'MAGNESIUM ION' 'Mg 2'
MYA non-polymer TETRADECANOYL-COA 'C35 H62 N7 O17 P3 S'
NZB non-polymer [(5-{4-fluoro-2-[2-(pyridin-3-yl)ethoxy]phenyl}-1H-indazol-3-yl)methyl]dimethylamine 'C23 H23 F N4 O'
#
# COMPACT_ATOMS: atom_id res chain seq x y z
N ALA A 8 -25.88 -11.66 -2.30
CA ALA A 8 -25.57 -10.45 -1.47
C ALA A 8 -24.59 -9.54 -2.23
N HIS A 9 -23.77 -10.13 -3.11
CA HIS A 9 -22.81 -9.37 -3.91
C HIS A 9 -23.09 -9.55 -5.39
N ALA A 10 -23.93 -8.67 -5.96
CA ALA A 10 -24.33 -8.77 -7.36
C ALA A 10 -23.13 -8.66 -8.30
N PHE A 11 -22.05 -7.99 -7.87
CA PHE A 11 -20.89 -7.92 -8.76
C PHE A 11 -19.87 -8.98 -8.41
N TRP A 12 -19.44 -9.04 -7.13
CA TRP A 12 -18.35 -9.93 -6.71
C TRP A 12 -18.67 -11.42 -6.88
N SER A 13 -19.94 -11.78 -6.77
CA SER A 13 -20.40 -13.11 -7.13
C SER A 13 -20.13 -13.50 -8.59
N THR A 14 -19.95 -12.53 -9.49
CA THR A 14 -19.73 -12.87 -10.89
C THR A 14 -18.24 -13.06 -11.21
N GLN A 15 -17.37 -12.83 -10.21
CA GLN A 15 -15.93 -12.65 -10.47
C GLN A 15 -15.12 -13.85 -9.96
N PRO A 16 -13.90 -14.05 -10.53
CA PRO A 16 -13.03 -15.17 -10.11
C PRO A 16 -12.20 -14.92 -8.84
N VAL A 17 -12.87 -14.86 -7.69
CA VAL A 17 -12.30 -14.72 -6.36
C VAL A 17 -12.95 -15.74 -5.45
N PRO A 18 -12.29 -16.19 -4.37
CA PRO A 18 -12.94 -17.10 -3.43
CA PRO A 18 -12.89 -17.06 -3.37
C PRO A 18 -14.15 -16.36 -2.87
N GLN A 19 -15.25 -17.10 -2.77
CA GLN A 19 -16.55 -16.49 -2.43
C GLN A 19 -16.79 -16.49 -0.91
N THR A 20 -16.13 -17.39 -0.16
CA THR A 20 -16.33 -17.50 1.27
C THR A 20 -15.02 -17.86 1.96
N GLU A 21 -14.99 -17.66 3.28
CA GLU A 21 -13.92 -18.17 4.14
C GLU A 21 -13.83 -19.70 4.06
N ASP A 22 -14.98 -20.36 3.83
CA ASP A 22 -14.98 -21.82 3.70
C ASP A 22 -14.21 -22.22 2.45
N GLU A 23 -14.59 -21.66 1.30
CA GLU A 23 -13.88 -21.93 0.05
C GLU A 23 -12.39 -21.67 0.26
N THR A 24 -12.08 -20.52 0.89
CA THR A 24 -10.72 -20.15 1.26
C THR A 24 -10.05 -21.28 2.03
N GLU A 25 -10.75 -21.81 3.04
CA GLU A 25 -10.18 -22.80 3.93
C GLU A 25 -9.89 -24.14 3.23
N LYS A 26 -10.47 -24.37 2.04
CA LYS A 26 -10.30 -25.62 1.30
C LYS A 26 -9.21 -25.46 0.23
N ILE A 27 -8.59 -24.27 0.18
CA ILE A 27 -7.53 -24.00 -0.79
C ILE A 27 -6.22 -24.48 -0.20
N VAL A 28 -5.53 -25.33 -0.94
CA VAL A 28 -4.30 -25.91 -0.44
C VAL A 28 -3.14 -25.51 -1.36
N PHE A 29 -3.45 -25.12 -2.60
CA PHE A 29 -2.39 -24.75 -3.52
C PHE A 29 -2.63 -23.38 -4.17
N ALA A 30 -1.54 -22.63 -4.34
CA ALA A 30 -1.65 -21.45 -5.16
C ALA A 30 -1.98 -21.84 -6.59
N GLY A 31 -2.87 -21.07 -7.16
CA GLY A 31 -3.01 -21.06 -8.59
C GLY A 31 -4.26 -20.30 -9.01
N PRO A 32 -4.52 -20.22 -10.31
CA PRO A 32 -5.65 -19.45 -10.82
C PRO A 32 -7.00 -20.02 -10.37
N MET A 33 -7.99 -19.12 -10.32
CA MET A 33 -9.35 -19.52 -10.01
C MET A 33 -10.03 -20.00 -11.29
N ASP A 34 -9.90 -19.19 -12.34
CA ASP A 34 -10.55 -19.41 -13.62
C ASP A 34 -9.78 -20.45 -14.45
N GLU A 35 -10.50 -21.24 -15.25
CA GLU A 35 -9.88 -22.00 -16.33
C GLU A 35 -9.27 -20.97 -17.29
N PRO A 36 -8.12 -21.26 -17.98
CA PRO A 36 -7.41 -20.22 -18.75
C PRO A 36 -8.16 -19.58 -19.91
N LYS A 37 -7.93 -18.28 -20.11
CA LYS A 37 -8.43 -17.58 -21.27
C LYS A 37 -7.28 -17.03 -22.09
N THR A 38 -7.60 -16.48 -23.26
CA THR A 38 -6.59 -15.93 -24.16
C THR A 38 -6.82 -14.45 -24.48
N VAL A 39 -5.75 -13.78 -24.90
CA VAL A 39 -5.82 -12.41 -25.35
C VAL A 39 -6.87 -12.20 -26.44
N ALA A 40 -6.86 -13.11 -27.43
CA ALA A 40 -7.71 -12.95 -28.59
C ALA A 40 -9.19 -13.04 -28.18
N ASP A 41 -9.48 -13.68 -27.03
CA ASP A 41 -10.86 -13.80 -26.61
C ASP A 41 -11.44 -12.48 -26.09
N ILE A 42 -10.59 -11.53 -25.68
CA ILE A 42 -11.04 -10.31 -25.01
C ILE A 42 -11.56 -9.26 -25.96
N PRO A 43 -12.74 -8.66 -25.70
CA PRO A 43 -13.28 -7.62 -26.57
C PRO A 43 -12.27 -6.49 -26.78
N GLU A 44 -12.18 -6.00 -28.02
CA GLU A 44 -11.14 -5.03 -28.32
CA GLU A 44 -11.19 -5.01 -28.44
C GLU A 44 -11.65 -3.63 -28.00
N GLU A 45 -12.96 -3.51 -27.81
CA GLU A 45 -13.51 -2.18 -27.58
CA GLU A 45 -13.63 -2.24 -27.59
C GLU A 45 -13.82 -2.01 -26.10
N PRO A 46 -13.70 -0.75 -25.60
CA PRO A 46 -14.04 -0.52 -24.20
C PRO A 46 -15.44 -1.02 -23.93
N TYR A 47 -15.65 -1.33 -22.67
CA TYR A 47 -16.93 -1.72 -22.14
C TYR A 47 -17.94 -0.63 -22.44
N PRO A 48 -19.19 -1.00 -22.81
CA PRO A 48 -20.25 -0.02 -23.03
C PRO A 48 -20.44 0.80 -21.75
N ILE A 49 -20.67 2.10 -21.95
CA ILE A 49 -20.95 3.03 -20.85
C ILE A 49 -22.03 4.03 -21.30
N ALA A 50 -22.77 4.59 -20.35
CA ALA A 50 -23.85 5.55 -20.59
C ALA A 50 -23.38 6.69 -21.52
N SER A 51 -24.26 7.12 -22.43
CA SER A 51 -23.86 8.05 -23.48
C SER A 51 -23.38 9.41 -22.96
N THR A 52 -23.68 9.71 -21.67
CA THR A 52 -23.29 10.96 -21.01
CA THR A 52 -23.35 10.92 -20.91
C THR A 52 -21.94 10.87 -20.30
N PHE A 53 -21.31 9.68 -20.30
CA PHE A 53 -19.98 9.53 -19.72
C PHE A 53 -19.04 9.10 -20.83
N GLU A 54 -17.73 9.23 -20.62
CA GLU A 54 -16.77 8.73 -21.58
C GLU A 54 -15.56 8.18 -20.82
N TRP A 55 -14.94 7.15 -21.38
CA TRP A 55 -13.69 6.61 -20.82
C TRP A 55 -12.57 7.58 -21.15
N TRP A 56 -11.56 7.64 -20.27
CA TRP A 56 -10.42 8.53 -20.46
C TRP A 56 -9.17 7.85 -19.89
N THR A 57 -8.08 7.94 -20.63
CA THR A 57 -6.80 7.41 -20.19
C THR A 57 -5.95 8.64 -19.91
N PRO A 58 -5.76 9.05 -18.64
CA PRO A 58 -4.99 10.25 -18.34
C PRO A 58 -3.55 10.05 -18.79
N ASN A 59 -2.92 11.19 -19.10
CA ASN A 59 -1.52 11.24 -19.46
C ASN A 59 -0.74 11.66 -18.20
N MET A 60 -0.03 10.74 -17.55
CA MET A 60 0.76 11.04 -16.37
CA MET A 60 0.61 11.29 -16.35
C MET A 60 1.94 11.98 -16.69
N GLU A 61 2.18 12.31 -17.97
CA GLU A 61 3.20 13.31 -18.27
CA GLU A 61 3.19 13.30 -18.32
C GLU A 61 2.60 14.72 -18.29
N ALA A 62 1.28 14.81 -18.15
CA ALA A 62 0.57 16.07 -18.25
C ALA A 62 0.17 16.56 -16.86
N ALA A 63 0.61 17.76 -16.50
CA ALA A 63 0.33 18.33 -15.18
C ALA A 63 -1.17 18.47 -14.96
N ASP A 64 -1.92 18.86 -16.00
CA ASP A 64 -3.35 19.03 -15.83
C ASP A 64 -4.01 17.70 -15.50
N ASP A 65 -3.57 16.61 -16.13
CA ASP A 65 -4.15 15.28 -15.95
C ASP A 65 -3.90 14.84 -14.50
N ILE A 66 -2.65 15.02 -14.05
CA ILE A 66 -2.33 14.67 -12.67
CA ILE A 66 -2.31 14.68 -12.68
C ILE A 66 -3.15 15.52 -11.73
N HIS A 67 -3.26 16.84 -12.00
CA HIS A 67 -4.10 17.69 -11.16
C HIS A 67 -5.55 17.22 -11.08
N ALA A 68 -6.14 16.76 -12.21
CA ALA A 68 -7.53 16.32 -12.20
C ALA A 68 -7.71 15.13 -11.27
N ILE A 69 -6.77 14.18 -11.32
CA ILE A 69 -6.77 12.98 -10.50
CA ILE A 69 -6.87 13.00 -10.49
C ILE A 69 -6.61 13.42 -9.04
N TYR A 70 -5.64 14.28 -8.82
CA TYR A 70 -5.36 14.79 -7.47
C TYR A 70 -6.63 15.37 -6.85
N GLU A 71 -7.40 16.17 -7.60
CA GLU A 71 -8.56 16.88 -7.04
C GLU A 71 -9.68 15.88 -6.74
N LEU A 72 -9.87 14.89 -7.63
CA LEU A 72 -10.87 13.86 -7.37
C LEU A 72 -10.57 13.16 -6.06
N LEU A 73 -9.32 12.75 -5.91
CA LEU A 73 -8.97 12.01 -4.69
C LEU A 73 -8.98 12.91 -3.48
N ARG A 74 -8.52 14.16 -3.58
CA ARG A 74 -8.47 15.05 -2.41
C ARG A 74 -9.87 15.17 -1.82
N ASP A 75 -10.89 15.26 -2.69
CA ASP A 75 -12.25 15.53 -2.23
C ASP A 75 -13.08 14.27 -2.02
N ASN A 76 -12.66 13.13 -2.62
CA ASN A 76 -13.54 11.97 -2.63
C ASN A 76 -12.88 10.64 -2.26
N TYR A 77 -11.62 10.63 -1.83
CA TYR A 77 -10.95 9.35 -1.57
C TYR A 77 -11.22 8.90 -0.12
N VAL A 78 -10.41 7.96 0.38
CA VAL A 78 -10.70 7.20 1.60
C VAL A 78 -10.68 8.12 2.82
N GLU A 79 -11.75 8.00 3.60
CA GLU A 79 -11.84 8.66 4.90
C GLU A 79 -11.70 7.66 6.01
N ASP A 80 -11.38 8.13 7.21
CA ASP A 80 -11.46 7.22 8.34
C ASP A 80 -12.94 6.91 8.63
N ASP A 81 -13.17 5.90 9.49
CA ASP A 81 -14.53 5.42 9.77
C ASP A 81 -15.41 6.53 10.36
N ASP A 82 -14.81 7.53 11.00
CA ASP A 82 -15.59 8.60 11.59
C ASP A 82 -15.64 9.87 10.75
N SER A 83 -15.23 9.82 9.47
CA SER A 83 -15.24 10.98 8.59
C SER A 83 -14.57 12.20 9.20
N MET A 84 -13.39 12.02 9.79
CA MET A 84 -12.65 13.08 10.44
CA MET A 84 -12.67 13.11 10.41
C MET A 84 -11.44 13.48 9.59
N PHE A 85 -10.95 12.50 8.81
CA PHE A 85 -9.70 12.60 8.05
C PHE A 85 -9.93 11.94 6.70
N ARG A 86 -9.36 12.57 5.65
CA ARG A 86 -9.43 12.01 4.30
C ARG A 86 -8.01 12.08 3.72
N PHE A 87 -7.58 10.97 3.12
CA PHE A 87 -6.25 11.01 2.52
C PHE A 87 -6.13 12.12 1.49
N ASN A 88 -4.97 12.75 1.40
CA ASN A 88 -4.69 13.88 0.50
C ASN A 88 -3.35 13.60 -0.19
N TYR A 89 -3.31 12.52 -0.97
CA TYR A 89 -2.09 12.22 -1.70
C TYR A 89 -1.68 13.39 -2.59
N SER A 90 -0.40 13.74 -2.59
CA SER A 90 -0.02 14.90 -3.38
C SER A 90 0.08 14.55 -4.88
N GLU A 91 0.18 15.60 -5.71
CA GLU A 91 0.40 15.38 -7.13
C GLU A 91 1.74 14.70 -7.39
N GLU A 92 2.79 15.07 -6.65
CA GLU A 92 4.08 14.43 -6.81
C GLU A 92 4.05 12.96 -6.34
N PHE A 93 3.26 12.70 -5.28
CA PHE A 93 3.12 11.30 -4.90
C PHE A 93 2.40 10.50 -5.96
N LEU A 94 1.31 11.08 -6.55
CA LEU A 94 0.57 10.32 -7.55
C LEU A 94 1.45 10.02 -8.78
N GLN A 95 2.30 10.98 -9.18
CA GLN A 95 3.15 10.72 -10.33
C GLN A 95 4.12 9.58 -9.99
N TRP A 96 4.70 9.57 -8.79
CA TRP A 96 5.56 8.50 -8.33
C TRP A 96 4.85 7.15 -8.29
N ALA A 97 3.66 7.11 -7.69
CA ALA A 97 2.99 5.84 -7.47
C ALA A 97 2.45 5.22 -8.77
N LEU A 98 2.03 6.09 -9.69
CA LEU A 98 1.33 5.65 -10.91
C LEU A 98 2.30 5.33 -12.04
N CYS A 99 3.54 5.79 -11.96
CA CYS A 99 4.46 5.68 -13.11
C CYS A 99 5.79 5.02 -12.74
N PRO A 100 5.77 3.81 -12.20
CA PRO A 100 6.99 3.03 -12.00
C PRO A 100 7.58 2.60 -13.34
N PRO A 101 8.80 2.03 -13.36
CA PRO A 101 9.41 1.52 -14.60
C PRO A 101 8.49 0.59 -15.37
N ASN A 102 8.38 0.89 -16.68
CA ASN A 102 7.56 0.06 -17.56
C ASN A 102 6.08 0.10 -17.22
N TYR A 103 5.62 1.18 -16.58
CA TYR A 103 4.19 1.25 -16.35
C TYR A 103 3.44 1.27 -17.68
N ILE A 104 2.16 0.94 -17.62
CA ILE A 104 1.34 0.81 -18.83
C ILE A 104 0.28 1.87 -18.75
N PRO A 105 0.38 2.93 -19.57
CA PRO A 105 -0.55 4.05 -19.54
C PRO A 105 -2.03 3.64 -19.59
N ASP A 106 -2.32 2.60 -20.37
CA ASP A 106 -3.68 2.14 -20.58
C ASP A 106 -4.31 1.53 -19.32
N TRP A 107 -3.49 1.17 -18.33
CA TRP A 107 -3.98 0.62 -17.06
C TRP A 107 -4.47 1.70 -16.10
N HIS A 108 -4.31 2.97 -16.41
CA HIS A 108 -4.91 4.03 -15.62
C HIS A 108 -6.23 4.36 -16.33
N VAL A 109 -7.35 4.09 -15.67
CA VAL A 109 -8.67 4.13 -16.30
C VAL A 109 -9.48 5.18 -15.56
N ALA A 110 -10.08 6.10 -16.30
CA ALA A 110 -10.96 7.10 -15.73
C ALA A 110 -12.26 7.20 -16.52
N VAL A 111 -13.26 7.76 -15.82
CA VAL A 111 -14.54 8.13 -16.39
C VAL A 111 -14.70 9.62 -16.18
N ARG A 112 -14.96 10.31 -17.31
CA ARG A 112 -15.27 11.73 -17.29
C ARG A 112 -16.70 11.97 -17.77
N ARG A 113 -17.26 13.08 -17.33
CA ARG A 113 -18.55 13.53 -17.81
C ARG A 113 -18.29 14.21 -19.15
N LYS A 114 -18.99 13.79 -20.20
CA LYS A 114 -18.67 14.24 -21.55
C LYS A 114 -18.79 15.76 -21.71
N ALA A 115 -19.85 16.34 -21.12
CA ALA A 115 -20.17 17.74 -21.31
C ALA A 115 -19.00 18.62 -20.90
N ASP A 116 -18.40 18.36 -19.72
CA ASP A 116 -17.47 19.33 -19.17
C ASP A 116 -16.10 18.72 -18.85
N LYS A 117 -15.96 17.41 -19.06
CA LYS A 117 -14.72 16.67 -18.82
C LYS A 117 -14.39 16.60 -17.33
N LYS A 118 -15.39 16.77 -16.47
CA LYS A 118 -15.19 16.54 -15.05
C LYS A 118 -14.86 15.06 -14.78
N LEU A 119 -13.80 14.85 -13.99
CA LEU A 119 -13.42 13.49 -13.65
C LEU A 119 -14.38 13.00 -12.56
N LEU A 120 -15.01 11.87 -12.84
CA LEU A 120 -16.05 11.30 -12.00
C LEU A 120 -15.59 10.04 -11.28
N ALA A 121 -14.64 9.30 -11.87
CA ALA A 121 -14.25 8.02 -11.29
C ALA A 121 -12.85 7.72 -11.82
N PHE A 122 -12.06 6.96 -11.04
CA PHE A 122 -10.71 6.58 -11.43
C PHE A 122 -10.37 5.25 -10.79
N ILE A 123 -9.50 4.49 -11.46
CA ILE A 123 -8.89 3.29 -10.95
C ILE A 123 -7.53 3.16 -11.62
N ALA A 124 -6.53 2.66 -10.88
CA ALA A 124 -5.23 2.57 -11.52
C ALA A 124 -4.65 1.18 -11.32
N GLY A 125 -3.98 0.71 -12.40
CA GLY A 125 -3.17 -0.47 -12.29
C GLY A 125 -1.73 -0.14 -12.62
N VAL A 126 -0.82 -0.81 -11.90
CA VAL A 126 0.60 -0.71 -12.24
C VAL A 126 1.17 -2.11 -12.23
N PRO A 127 2.28 -2.34 -12.98
CA PRO A 127 2.93 -3.63 -12.93
C PRO A 127 3.61 -3.92 -11.62
N VAL A 128 3.58 -5.19 -11.21
CA VAL A 128 4.38 -5.67 -10.11
C VAL A 128 4.80 -7.10 -10.43
N THR A 129 6.01 -7.45 -10.03
CA THR A 129 6.46 -8.84 -10.05
C THR A 129 6.36 -9.41 -8.65
N LEU A 130 5.50 -10.43 -8.46
CA LEU A 130 5.15 -10.90 -7.15
C LEU A 130 5.48 -12.39 -7.00
N ARG A 131 6.12 -12.73 -5.91
CA ARG A 131 6.16 -14.13 -5.49
C ARG A 131 4.78 -14.43 -4.91
N MET A 132 4.08 -15.43 -5.47
CA MET A 132 2.73 -15.71 -5.01
C MET A 132 2.46 -17.21 -5.11
N GLY A 133 3.54 -17.98 -4.90
CA GLY A 133 3.31 -19.42 -4.89
C GLY A 133 2.87 -19.96 -3.54
N THR A 134 2.56 -21.28 -3.49
CA THR A 134 2.09 -21.91 -2.27
C THR A 134 2.91 -21.53 -1.05
N PRO A 135 2.29 -21.05 0.04
CA PRO A 135 3.01 -20.70 1.26
C PRO A 135 3.69 -21.84 2.01
N LYS A 136 4.68 -21.50 2.85
CA LYS A 136 5.52 -22.49 3.53
C LYS A 136 4.69 -23.51 4.31
N TYR A 137 3.78 -23.04 5.18
CA TYR A 137 3.04 -23.96 6.03
C TYR A 137 2.25 -24.93 5.16
N MET A 138 1.86 -24.52 3.94
CA MET A 138 1.05 -25.36 3.07
C MET A 138 1.93 -26.32 2.27
N LYS A 139 3.19 -25.94 2.05
CA LYS A 139 4.11 -26.80 1.31
C LYS A 139 4.47 -27.99 2.19
N VAL A 140 4.62 -27.75 3.50
CA VAL A 140 4.88 -28.81 4.46
C VAL A 140 3.75 -29.83 4.40
N LYS A 141 2.51 -29.36 4.56
CA LYS A 141 1.32 -30.18 4.47
C LYS A 141 1.36 -30.99 3.18
N ALA A 142 1.86 -30.38 2.10
CA ALA A 142 1.82 -31.03 0.80
C ALA A 142 2.83 -32.16 0.75
N GLN A 143 4.00 -31.94 1.34
CA GLN A 143 5.08 -32.92 1.32
C GLN A 143 4.59 -34.23 1.98
N GLU A 144 3.83 -34.08 3.07
CA GLU A 144 3.18 -35.12 3.85
C GLU A 144 2.12 -35.87 3.03
N LYS A 145 1.52 -35.18 2.04
CA LYS A 145 0.49 -35.80 1.20
C LYS A 145 1.07 -36.36 -0.10
N GLY A 146 2.41 -36.27 -0.25
CA GLY A 146 3.10 -36.64 -1.48
C GLY A 146 2.78 -35.71 -2.66
N GLU A 147 2.18 -34.54 -2.34
CA GLU A 147 1.62 -33.54 -3.26
C GLU A 147 2.55 -32.32 -3.43
N GLY A 148 3.88 -32.56 -3.29
CA GLY A 148 4.92 -31.57 -3.53
C GLY A 148 4.92 -30.92 -4.91
N GLU A 149 4.68 -31.68 -5.98
CA GLU A 149 4.82 -31.08 -7.31
C GLU A 149 3.70 -30.08 -7.54
N GLU A 150 2.46 -30.44 -7.19
CA GLU A 150 1.37 -29.52 -7.47
CA GLU A 150 1.33 -29.56 -7.40
C GLU A 150 1.56 -28.24 -6.67
N ALA A 151 2.10 -28.36 -5.43
CA ALA A 151 2.31 -27.30 -4.47
C ALA A 151 3.35 -26.31 -4.98
N ALA A 152 4.25 -26.77 -5.83
CA ALA A 152 5.37 -25.96 -6.28
C ALA A 152 5.11 -25.39 -7.65
N LYS A 153 3.96 -25.73 -8.26
CA LYS A 153 3.74 -25.40 -9.65
C LYS A 153 3.90 -23.89 -9.97
N TYR A 154 3.54 -23.00 -9.02
CA TYR A 154 3.43 -21.59 -9.36
C TYR A 154 4.41 -20.75 -8.54
N ASP A 155 5.55 -21.38 -8.20
CA ASP A 155 6.59 -20.84 -7.34
C ASP A 155 7.29 -19.63 -7.94
N GLU A 156 7.34 -19.55 -9.27
CA GLU A 156 8.12 -18.54 -9.96
C GLU A 156 7.45 -17.18 -9.81
N PRO A 157 8.22 -16.08 -9.59
CA PRO A 157 7.66 -14.71 -9.59
C PRO A 157 6.83 -14.42 -10.83
N ARG A 158 5.66 -13.80 -10.63
CA ARG A 158 4.76 -13.55 -11.73
C ARG A 158 4.60 -12.06 -11.96
N HIS A 159 4.47 -11.70 -13.23
CA HIS A 159 4.27 -10.32 -13.67
C HIS A 159 2.77 -10.06 -13.69
N ILE A 160 2.28 -9.32 -12.68
CA ILE A 160 0.83 -9.13 -12.56
C ILE A 160 0.54 -7.62 -12.46
N CYS A 161 -0.69 -7.29 -12.06
CA CYS A 161 -1.20 -5.91 -11.90
C CYS A 161 -1.47 -5.64 -10.42
N GLU A 162 -1.02 -4.46 -9.97
CA GLU A 162 -1.37 -4.00 -8.63
C GLU A 162 -2.37 -2.85 -8.77
N ILE A 163 -3.58 -3.02 -8.13
CA ILE A 163 -4.67 -2.09 -8.33
C ILE A 163 -4.75 -1.18 -7.12
N ASN A 164 -4.94 0.12 -7.40
CA ASN A 164 -4.96 1.12 -6.34
C ASN A 164 -5.76 2.32 -6.82
N PHE A 165 -6.16 3.21 -5.88
CA PHE A 165 -6.75 4.50 -6.19
C PHE A 165 -8.14 4.39 -6.85
N LEU A 166 -8.92 3.34 -6.53
CA LEU A 166 -10.32 3.25 -6.94
C LEU A 166 -11.10 4.36 -6.23
N CYS A 167 -11.79 5.18 -7.03
CA CYS A 167 -12.51 6.30 -6.44
C CYS A 167 -13.67 6.68 -7.32
N VAL A 168 -14.85 6.78 -6.72
CA VAL A 168 -16.01 7.33 -7.43
C VAL A 168 -16.38 8.62 -6.72
N HIS A 169 -16.64 9.70 -7.48
CA HIS A 169 -17.06 10.96 -6.89
C HIS A 169 -18.27 10.77 -5.97
N LYS A 170 -18.30 11.53 -4.86
CA LYS A 170 -19.39 11.42 -3.87
CA LYS A 170 -19.39 11.44 -3.87
C LYS A 170 -20.80 11.54 -4.47
N GLN A 171 -20.93 12.33 -5.54
CA GLN A 171 -22.26 12.53 -6.11
C GLN A 171 -22.74 11.34 -6.92
N LEU A 172 -21.85 10.37 -7.16
CA LEU A 172 -22.17 9.27 -8.05
C LEU A 172 -22.13 7.95 -7.27
N ARG A 173 -22.10 8.04 -5.94
CA ARG A 173 -21.99 6.82 -5.15
C ARG A 173 -23.25 5.99 -5.24
N GLU A 174 -23.09 4.66 -5.14
CA GLU A 174 -24.16 3.67 -5.05
C GLU A 174 -24.98 3.63 -6.33
N LYS A 175 -24.31 3.87 -7.46
CA LYS A 175 -24.91 3.79 -8.79
C LYS A 175 -24.26 2.66 -9.61
N ARG A 176 -23.52 1.75 -8.93
CA ARG A 176 -22.88 0.62 -9.59
C ARG A 176 -21.82 1.07 -10.60
N LEU A 177 -21.20 2.24 -10.39
CA LEU A 177 -20.12 2.69 -11.24
C LEU A 177 -18.81 1.95 -10.93
N ALA A 178 -18.56 1.64 -9.66
CA ALA A 178 -17.33 0.94 -9.29
C ALA A 178 -17.21 -0.37 -10.07
N PRO A 179 -18.23 -1.25 -10.20
CA PRO A 179 -18.07 -2.48 -11.01
C PRO A 179 -17.67 -2.21 -12.45
N ILE A 180 -18.20 -1.14 -13.04
CA ILE A 180 -17.93 -0.82 -14.43
C ILE A 180 -16.43 -0.50 -14.55
N LEU A 181 -15.91 0.30 -13.61
CA LEU A 181 -14.49 0.63 -13.55
CA LEU A 181 -14.49 0.63 -13.56
C LEU A 181 -13.65 -0.65 -13.41
N ILE A 182 -14.08 -1.55 -12.55
CA ILE A 182 -13.28 -2.74 -12.29
C ILE A 182 -13.28 -3.62 -13.53
N LYS A 183 -14.43 -3.75 -14.21
CA LYS A 183 -14.52 -4.58 -15.41
CA LYS A 183 -14.50 -4.59 -15.40
C LYS A 183 -13.64 -4.03 -16.53
N GLU A 184 -13.60 -2.72 -16.67
CA GLU A 184 -12.83 -2.11 -17.75
C GLU A 184 -11.35 -2.23 -17.41
N ALA A 185 -10.97 -1.98 -16.15
CA ALA A 185 -9.59 -2.23 -15.78
C ALA A 185 -9.18 -3.67 -16.06
N THR A 186 -10.06 -4.63 -15.73
CA THR A 186 -9.75 -6.04 -15.94
C THR A 186 -9.51 -6.27 -17.43
N ARG A 187 -10.36 -5.70 -18.27
CA ARG A 187 -10.24 -5.89 -19.71
C ARG A 187 -8.88 -5.38 -20.20
N ARG A 188 -8.51 -4.15 -19.81
CA ARG A 188 -7.28 -3.53 -20.30
C ARG A 188 -6.06 -4.34 -19.84
N VAL A 189 -6.07 -4.86 -18.61
CA VAL A 189 -5.01 -5.72 -18.10
C VAL A 189 -4.96 -7.08 -18.85
N ASN A 190 -6.12 -7.68 -19.07
CA ASN A 190 -6.22 -8.98 -19.73
C ASN A 190 -5.73 -8.82 -21.18
N ARG A 191 -5.93 -7.66 -21.80
CA ARG A 191 -5.49 -7.44 -23.17
C ARG A 191 -3.96 -7.44 -23.24
N THR A 192 -3.28 -7.28 -22.09
CA THR A 192 -1.81 -7.36 -22.09
C THR A 192 -1.34 -8.72 -21.60
N ASN A 193 -2.21 -9.74 -21.53
CA ASN A 193 -1.85 -11.09 -21.16
C ASN A 193 -1.46 -11.19 -19.69
N VAL A 194 -2.06 -10.33 -18.84
CA VAL A 194 -1.99 -10.45 -17.41
C VAL A 194 -3.38 -10.80 -16.86
N TRP A 195 -3.40 -11.80 -15.99
CA TRP A 195 -4.65 -12.42 -15.57
C TRP A 195 -4.84 -12.47 -14.06
N GLN A 196 -3.86 -11.97 -13.27
CA GLN A 196 -3.96 -11.83 -11.83
C GLN A 196 -3.77 -10.34 -11.49
N ALA A 197 -4.39 -9.95 -10.39
CA ALA A 197 -4.10 -8.64 -9.78
C ALA A 197 -3.99 -8.85 -8.27
N VAL A 198 -3.30 -7.90 -7.60
CA VAL A 198 -3.27 -7.81 -6.16
C VAL A 198 -3.80 -6.44 -5.78
N TYR A 199 -4.59 -6.43 -4.70
CA TYR A 199 -5.14 -5.16 -4.24
C TYR A 199 -5.36 -5.26 -2.74
N THR A 200 -5.46 -4.07 -2.12
CA THR A 200 -5.77 -4.03 -0.70
C THR A 200 -6.97 -3.09 -0.51
N ALA A 201 -7.64 -3.26 0.62
CA ALA A 201 -8.71 -2.36 1.05
C ALA A 201 -8.88 -2.49 2.55
N GLY A 202 -9.46 -1.46 3.15
CA GLY A 202 -9.81 -1.47 4.57
C GLY A 202 -11.11 -2.26 4.78
N VAL A 203 -11.95 -2.26 3.77
CA VAL A 203 -13.25 -2.91 3.84
C VAL A 203 -13.11 -4.39 3.55
N LEU A 204 -14.06 -5.17 4.06
CA LEU A 204 -14.12 -6.61 3.87
C LEU A 204 -14.91 -6.95 2.60
N LEU A 205 -14.25 -7.63 1.65
CA LEU A 205 -14.82 -8.02 0.38
C LEU A 205 -14.58 -9.53 0.26
N PRO A 206 -15.23 -10.24 -0.68
CA PRO A 206 -14.85 -11.64 -0.93
C PRO A 206 -13.52 -11.66 -1.70
N THR A 207 -12.46 -12.31 -1.19
CA THR A 207 -12.28 -12.78 0.17
C THR A 207 -10.78 -12.62 0.46
N PRO A 208 -10.34 -12.04 1.58
CA PRO A 208 -8.91 -11.72 1.75
C PRO A 208 -8.08 -13.00 1.85
N TYR A 209 -6.83 -12.95 1.36
CA TYR A 209 -5.89 -14.01 1.72
C TYR A 209 -5.07 -13.65 2.97
N ALA A 210 -5.09 -12.37 3.41
CA ALA A 210 -4.41 -11.99 4.64
C ALA A 210 -5.06 -10.70 5.15
N SER A 211 -4.99 -10.47 6.44
CA SER A 211 -5.57 -9.29 7.06
C SER A 211 -4.68 -8.85 8.20
N GLY A 212 -4.36 -7.57 8.25
CA GLY A 212 -3.54 -7.10 9.34
C GLY A 212 -4.06 -5.80 9.95
N GLN A 213 -3.94 -5.68 11.28
CA GLN A 213 -4.26 -4.43 11.98
C GLN A 213 -3.25 -3.35 11.56
N TYR A 214 -3.71 -2.12 11.50
CA TYR A 214 -2.80 -1.00 11.33
C TYR A 214 -2.49 -0.38 12.69
N PHE A 215 -1.41 0.38 12.74
CA PHE A 215 -0.82 0.88 13.96
C PHE A 215 -0.37 2.34 13.76
N HIS A 216 -0.29 3.10 14.84
CA HIS A 216 0.18 4.48 14.77
C HIS A 216 1.18 4.73 15.88
N ARG A 217 2.15 5.62 15.64
CA ARG A 217 3.11 6.04 16.64
C ARG A 217 3.11 7.56 16.64
N SER A 218 2.66 8.14 17.74
CA SER A 218 2.55 9.59 17.90
CA SER A 218 2.55 9.58 17.90
C SER A 218 3.93 10.23 17.84
N LEU A 219 4.10 11.26 17.00
CA LEU A 219 5.34 12.02 16.96
C LEU A 219 5.10 13.43 17.48
N ASN A 220 3.91 13.99 17.24
CA ASN A 220 3.50 15.30 17.73
C ASN A 220 2.16 15.18 18.48
N PRO A 221 2.18 14.66 19.71
CA PRO A 221 0.96 14.40 20.43
C PRO A 221 0.10 15.63 20.70
N GLU A 222 0.71 16.82 20.90
CA GLU A 222 -0.15 17.98 21.13
C GLU A 222 -1.07 18.24 19.92
N LYS A 223 -0.51 18.17 18.73
CA LYS A 223 -1.33 18.38 17.54
C LYS A 223 -2.32 17.23 17.33
N LEU A 224 -1.89 15.97 17.55
CA LEU A 224 -2.81 14.85 17.34
C LEU A 224 -4.06 14.96 18.23
N VAL A 225 -3.83 15.42 19.48
CA VAL A 225 -4.92 15.65 20.40
C VAL A 225 -5.81 16.81 19.92
N GLU A 226 -5.20 17.89 19.43
CA GLU A 226 -5.95 19.06 18.99
C GLU A 226 -6.94 18.71 17.86
N ILE A 227 -6.52 17.84 16.92
CA ILE A 227 -7.34 17.50 15.76
C ILE A 227 -8.20 16.24 15.98
N ARG A 228 -8.15 15.70 17.20
CA ARG A 228 -8.91 14.54 17.62
C ARG A 228 -8.54 13.28 16.84
N PHE A 229 -7.28 13.18 16.41
CA PHE A 229 -6.74 11.93 15.94
C PHE A 229 -6.52 11.01 17.13
N SER A 230 -6.09 11.62 18.24
CA SER A 230 -5.76 10.97 19.51
C SER A 230 -6.60 11.62 20.58
N GLY A 231 -6.80 10.93 21.70
CA GLY A 231 -7.27 11.58 22.91
C GLY A 231 -6.17 11.57 23.96
N ILE A 232 -6.33 12.37 25.03
CA ILE A 232 -5.52 12.12 26.20
C ILE A 232 -6.13 10.89 26.86
N PRO A 233 -5.41 9.76 26.92
CA PRO A 233 -6.00 8.50 27.42
C PRO A 233 -6.29 8.66 28.91
N ALA A 234 -7.38 7.99 29.34
CA ALA A 234 -7.99 8.20 30.63
C ALA A 234 -6.97 7.96 31.75
N GLN A 235 -6.04 7.03 31.51
CA GLN A 235 -4.98 6.75 32.47
C GLN A 235 -4.13 8.01 32.75
N TYR A 236 -4.11 8.95 31.81
CA TYR A 236 -3.26 10.12 31.95
C TYR A 236 -3.94 11.19 32.80
N GLN A 237 -5.09 10.84 33.41
CA GLN A 237 -5.91 11.70 34.27
C GLN A 237 -5.39 11.67 35.72
N LYS A 238 -4.88 10.51 36.16
CA LYS A 238 -4.22 10.33 37.46
C LYS A 238 -3.09 11.35 37.65
N PHE A 239 -2.63 11.96 36.53
CA PHE A 239 -1.55 12.94 36.51
C PHE A 239 -2.12 14.34 36.66
N GLN A 240 -1.38 15.15 37.44
CA GLN A 240 -1.78 16.53 37.66
C GLN A 240 -1.85 17.20 36.29
N ASN A 241 -0.92 16.84 35.42
CA ASN A 241 -0.80 17.53 34.14
C ASN A 241 -0.76 16.55 32.95
N PRO A 242 -1.92 16.11 32.44
CA PRO A 242 -1.94 15.02 31.46
C PRO A 242 -1.04 15.18 30.22
N MET A 243 -0.96 16.39 29.65
CA MET A 243 -0.35 16.66 28.35
CA MET A 243 -0.35 16.56 28.33
C MET A 243 1.18 16.65 28.42
N ALA A 244 1.73 17.24 29.49
CA ALA A 244 3.18 17.38 29.51
C ALA A 244 3.78 15.99 29.57
N MET A 245 3.07 15.13 30.31
CA MET A 245 3.35 13.71 30.46
C MET A 245 3.21 13.04 29.08
N LEU A 246 2.25 13.51 28.28
CA LEU A 246 2.06 12.82 27.00
C LEU A 246 3.24 13.12 26.06
N LYS A 247 3.73 14.37 26.04
CA LYS A 247 4.89 14.73 25.25
C LYS A 247 6.16 14.03 25.72
N ARG A 248 6.31 13.92 27.06
CA ARG A 248 7.44 13.20 27.65
CA ARG A 248 7.42 13.20 27.68
C ARG A 248 7.45 11.75 27.16
N ASN A 249 6.28 11.12 27.18
CA ASN A 249 6.13 9.74 26.76
C ASN A 249 6.61 9.52 25.32
N TYR A 250 6.32 10.47 24.41
CA TYR A 250 6.57 10.22 23.00
C TYR A 250 7.79 10.99 22.49
N GLN A 251 8.54 11.68 23.37
CA GLN A 251 9.75 12.39 22.96
C GLN A 251 10.75 11.45 22.28
N LEU A 252 11.52 12.01 21.32
CA LEU A 252 12.54 11.30 20.57
C LEU A 252 13.81 12.14 20.54
N PRO A 253 14.96 11.47 20.40
CA PRO A 253 16.18 12.22 20.12
C PRO A 253 16.14 13.12 18.88
N SER A 254 16.99 14.15 18.86
CA SER A 254 17.12 15.07 17.73
C SER A 254 17.82 14.44 16.53
N ALA A 255 18.67 13.44 16.75
CA ALA A 255 19.47 12.92 15.66
C ALA A 255 19.52 11.41 15.76
N PRO A 256 19.70 10.69 14.62
CA PRO A 256 19.78 9.24 14.63
C PRO A 256 20.90 8.78 15.55
N LYS A 257 20.73 7.59 16.11
CA LYS A 257 21.71 7.05 17.03
CA LYS A 257 21.70 7.04 17.03
C LYS A 257 22.67 6.11 16.28
N ASN A 258 22.31 5.69 15.07
CA ASN A 258 23.24 4.87 14.33
C ASN A 258 24.20 5.79 13.57
N SER A 259 25.46 5.88 14.02
CA SER A 259 26.46 6.51 13.15
C SER A 259 26.51 5.65 11.89
N GLY A 260 26.79 6.25 10.75
CA GLY A 260 26.66 5.35 9.63
C GLY A 260 25.36 5.57 8.87
N LEU A 261 24.30 6.08 9.54
CA LEU A 261 23.07 6.42 8.81
C LEU A 261 23.26 7.69 7.99
N ARG A 262 22.84 7.60 6.73
CA ARG A 262 22.79 8.77 5.86
C ARG A 262 21.64 8.54 4.85
N GLU A 263 21.25 9.59 4.15
CA GLU A 263 20.30 9.40 3.07
C GLU A 263 20.89 8.52 1.97
N MET A 264 20.00 7.73 1.34
CA MET A 264 20.31 6.85 0.22
C MET A 264 20.63 7.70 -1.02
N LYS A 265 21.65 7.25 -1.75
CA LYS A 265 21.97 7.97 -2.97
C LYS A 265 21.98 6.95 -4.11
N PRO A 266 22.02 7.40 -5.38
CA PRO A 266 21.93 6.42 -6.49
C PRO A 266 22.96 5.32 -6.45
N SER A 267 24.20 5.61 -6.04
CA SER A 267 25.19 4.55 -6.01
C SER A 267 24.89 3.40 -5.05
N ASP A 268 23.92 3.56 -4.15
CA ASP A 268 23.53 2.52 -3.21
C ASP A 268 22.56 1.51 -3.78
N VAL A 269 22.00 1.79 -4.96
CA VAL A 269 20.89 0.98 -5.48
C VAL A 269 21.28 -0.51 -5.51
N PRO A 270 22.41 -0.96 -6.08
CA PRO A 270 22.70 -2.40 -6.11
C PRO A 270 22.74 -3.05 -4.73
N GLN A 271 23.34 -2.38 -3.74
CA GLN A 271 23.44 -2.96 -2.42
C GLN A 271 22.06 -3.01 -1.74
N VAL A 272 21.28 -1.93 -1.87
CA VAL A 272 19.95 -1.98 -1.28
C VAL A 272 19.11 -3.06 -1.94
N ARG A 273 19.25 -3.24 -3.25
CA ARG A 273 18.47 -4.27 -3.90
CA ARG A 273 18.49 -4.28 -3.93
C ARG A 273 18.81 -5.65 -3.33
N ARG A 274 20.11 -5.91 -3.15
CA ARG A 274 20.55 -7.18 -2.62
C ARG A 274 20.02 -7.44 -1.21
N ILE A 275 20.22 -6.51 -0.30
CA ILE A 275 19.80 -6.77 1.07
C ILE A 275 18.28 -6.84 1.19
N LEU A 276 17.54 -6.03 0.38
CA LEU A 276 16.10 -6.09 0.44
C LEU A 276 15.61 -7.42 -0.12
N MET A 277 16.09 -7.81 -1.30
CA MET A 277 15.61 -9.05 -1.90
C MET A 277 15.91 -10.26 -1.01
N ASN A 278 17.07 -10.30 -0.35
CA ASN A 278 17.43 -11.38 0.56
CA ASN A 278 17.44 -11.37 0.56
C ASN A 278 16.46 -11.44 1.74
N TYR A 279 16.15 -10.27 2.33
CA TYR A 279 15.23 -10.23 3.44
C TYR A 279 13.83 -10.67 3.06
N LEU A 280 13.32 -10.18 1.93
CA LEU A 280 11.93 -10.41 1.60
C LEU A 280 11.69 -11.88 1.30
N ASP A 281 12.76 -12.63 1.02
CA ASP A 281 12.61 -14.06 0.77
C ASP A 281 12.05 -14.79 1.98
N SER A 282 12.19 -14.24 3.19
CA SER A 282 11.68 -14.89 4.38
CA SER A 282 11.68 -14.95 4.36
C SER A 282 10.15 -14.93 4.39
N PHE A 283 9.51 -14.20 3.45
CA PHE A 283 8.05 -14.03 3.45
C PHE A 283 7.37 -14.78 2.32
N ASP A 284 6.16 -15.28 2.59
CA ASP A 284 5.42 -16.02 1.57
C ASP A 284 5.01 -15.20 0.34
N VAL A 285 4.48 -13.97 0.50
CA VAL A 285 4.07 -13.21 -0.67
C VAL A 285 4.91 -11.91 -0.72
N GLY A 286 5.55 -11.65 -1.84
CA GLY A 286 6.36 -10.44 -1.81
C GLY A 286 6.87 -10.07 -3.18
N PRO A 287 7.26 -8.78 -3.39
CA PRO A 287 7.60 -8.29 -4.72
C PRO A 287 9.07 -8.64 -5.03
N VAL A 288 9.35 -8.67 -6.33
CA VAL A 288 10.72 -8.79 -6.79
C VAL A 288 10.99 -7.48 -7.50
N PHE A 289 12.08 -6.81 -7.08
CA PHE A 289 12.40 -5.53 -7.67
C PHE A 289 13.75 -5.56 -8.42
N SER A 290 13.71 -5.06 -9.64
CA SER A 290 14.91 -4.80 -10.46
C SER A 290 15.68 -3.60 -9.88
N ASP A 291 16.93 -3.38 -10.32
CA ASP A 291 17.61 -2.15 -9.92
C ASP A 291 16.77 -0.91 -10.23
N ALA A 292 16.13 -0.82 -11.41
CA ALA A 292 15.33 0.31 -11.85
C ALA A 292 14.17 0.56 -10.87
N GLU A 293 13.55 -0.54 -10.43
CA GLU A 293 12.42 -0.47 -9.50
C GLU A 293 12.90 -0.05 -8.12
N ILE A 294 14.04 -0.58 -7.67
CA ILE A 294 14.62 -0.12 -6.42
C ILE A 294 14.88 1.39 -6.49
N SER A 295 15.49 1.86 -7.58
CA SER A 295 15.72 3.29 -7.77
CA SER A 295 15.71 3.29 -7.76
C SER A 295 14.41 4.07 -7.64
N HIS A 296 13.42 3.66 -8.40
CA HIS A 296 12.17 4.42 -8.46
C HIS A 296 11.48 4.42 -7.07
N TYR A 297 11.37 3.28 -6.42
CA TYR A 297 10.55 3.24 -5.22
C TYR A 297 11.31 3.69 -3.97
N LEU A 298 12.65 3.71 -4.00
CA LEU A 298 13.44 4.00 -2.79
C LEU A 298 14.31 5.23 -2.87
N LEU A 299 14.71 5.72 -4.05
CA LEU A 299 15.53 6.94 -3.96
C LEU A 299 14.73 8.11 -3.41
N PRO A 300 15.31 8.93 -2.52
CA PRO A 300 14.58 10.04 -1.92
C PRO A 300 13.96 10.93 -2.99
N ARG A 301 12.72 11.32 -2.71
CA ARG A 301 12.00 12.33 -3.49
C ARG A 301 11.33 13.27 -2.50
N ASP A 302 11.63 14.59 -2.63
CA ASP A 302 11.13 15.58 -1.71
C ASP A 302 9.62 15.51 -1.56
N GLY A 303 9.22 15.44 -0.30
CA GLY A 303 7.81 15.40 0.07
C GLY A 303 7.07 14.08 -0.19
N VAL A 304 7.78 13.06 -0.68
CA VAL A 304 7.11 11.84 -1.13
C VAL A 304 7.72 10.61 -0.45
N VAL A 305 8.99 10.36 -0.65
CA VAL A 305 9.59 9.15 -0.11
C VAL A 305 10.98 9.50 0.43
N PHE A 306 11.28 8.87 1.56
CA PHE A 306 12.47 9.23 2.33
C PHE A 306 13.18 7.92 2.66
N THR A 307 14.48 7.80 2.33
CA THR A 307 15.13 6.52 2.49
C THR A 307 16.52 6.76 3.02
N TYR A 308 16.93 6.00 4.05
CA TYR A 308 18.24 6.13 4.69
C TYR A 308 18.91 4.78 4.75
N VAL A 309 20.23 4.78 4.58
CA VAL A 309 21.00 3.54 4.66
C VAL A 309 21.95 3.67 5.86
N VAL A 310 22.29 2.52 6.42
CA VAL A 310 23.40 2.45 7.35
C VAL A 310 24.60 1.93 6.58
N GLU A 311 25.66 2.74 6.56
CA GLU A 311 26.84 2.32 5.82
C GLU A 311 28.00 2.21 6.80
N ASN A 312 28.60 1.02 6.81
CA ASN A 312 29.69 0.63 7.69
C ASN A 312 30.82 0.12 6.81
N ASP A 313 32.02 0.71 6.94
CA ASP A 313 33.19 0.31 6.15
C ASP A 313 32.85 0.27 4.67
N LYS A 314 32.16 1.32 4.20
CA LYS A 314 31.79 1.55 2.77
C LYS A 314 30.86 0.45 2.24
N LYS A 315 30.21 -0.26 3.14
CA LYS A 315 29.17 -1.27 2.77
CA LYS A 315 29.15 -1.32 2.79
C LYS A 315 27.75 -1.02 3.43
N VAL A 316 26.77 -0.91 2.55
CA VAL A 316 25.42 -0.70 3.06
C VAL A 316 24.97 -2.04 3.65
N THR A 317 24.63 -2.02 4.94
CA THR A 317 24.26 -3.20 5.70
C THR A 317 22.80 -3.15 6.15
N ASP A 318 22.15 -1.96 6.16
CA ASP A 318 20.78 -1.85 6.67
C ASP A 318 20.18 -0.66 5.94
N PHE A 319 18.84 -0.61 5.84
CA PHE A 319 18.21 0.60 5.34
C PHE A 319 16.78 0.64 5.82
N PHE A 320 16.19 1.83 5.77
CA PHE A 320 14.75 1.95 5.97
C PHE A 320 14.20 3.03 5.06
N SER A 321 12.90 2.97 4.77
CA SER A 321 12.22 3.96 3.94
C SER A 321 10.86 4.24 4.57
N PHE A 322 10.38 5.46 4.32
CA PHE A 322 8.98 5.77 4.65
C PHE A 322 8.46 6.72 3.61
N TYR A 323 7.14 6.75 3.45
CA TYR A 323 6.55 7.67 2.49
C TYR A 323 5.53 8.56 3.19
N ARG A 324 5.26 9.72 2.57
CA ARG A 324 4.36 10.72 3.16
C ARG A 324 2.99 10.74 2.51
N ILE A 325 1.94 10.66 3.33
CA ILE A 325 0.59 10.92 2.86
C ILE A 325 -0.03 11.85 3.87
N PRO A 326 -0.26 13.12 3.49
CA PRO A 326 -1.00 14.02 4.36
C PRO A 326 -2.49 13.66 4.28
N SER A 327 -3.21 13.90 5.37
CA SER A 327 -4.67 13.81 5.38
C SER A 327 -5.26 15.18 5.60
N THR A 328 -6.36 15.43 4.90
CA THR A 328 -7.20 16.59 5.20
C THR A 328 -7.91 16.36 6.54
N VAL A 329 -7.83 17.37 7.40
CA VAL A 329 -8.58 17.34 8.65
C VAL A 329 -9.90 18.05 8.42
N ILE A 330 -10.97 17.28 8.47
CA ILE A 330 -12.23 17.92 8.13
C ILE A 330 -12.70 18.76 9.32
N GLY A 331 -12.45 20.10 9.32
CA GLY A 331 -13.14 21.07 10.19
C GLY A 331 -12.49 21.43 11.54
N ASN A 332 -11.18 21.67 11.57
CA ASN A 332 -10.50 22.13 12.78
C ASN A 332 -10.05 23.59 12.57
N SER A 333 -10.25 24.46 13.56
CA SER A 333 -10.01 25.87 13.34
C SER A 333 -8.51 26.19 13.34
N ASN A 334 -7.67 25.22 13.74
CA ASN A 334 -6.25 25.48 13.98
C ASN A 334 -5.34 24.72 13.00
N TYR A 335 -5.83 23.61 12.44
CA TYR A 335 -4.98 22.82 11.58
C TYR A 335 -5.76 22.33 10.37
N ASN A 336 -5.09 22.29 9.22
CA ASN A 336 -5.78 21.88 8.01
C ASN A 336 -5.37 20.47 7.65
N LEU A 337 -4.20 20.05 8.16
CA LEU A 337 -3.57 18.85 7.65
C LEU A 337 -2.92 18.03 8.76
N LEU A 338 -2.97 16.70 8.59
CA LEU A 338 -2.24 15.71 9.38
C LEU A 338 -1.09 15.21 8.51
N ASN A 339 0.15 15.34 8.98
CA ASN A 339 1.29 15.00 8.15
C ASN A 339 1.73 13.61 8.59
N ALA A 340 1.34 12.57 7.88
CA ALA A 340 1.65 11.20 8.30
C ALA A 340 2.79 10.58 7.50
N ALA A 341 3.68 9.86 8.19
CA ALA A 341 4.73 9.01 7.62
C ALA A 341 4.25 7.55 7.71
N TYR A 342 4.46 6.79 6.66
CA TYR A 342 4.06 5.38 6.59
C TYR A 342 5.32 4.57 6.35
N VAL A 343 5.53 3.54 7.22
CA VAL A 343 6.70 2.69 7.09
C VAL A 343 6.65 1.96 5.74
N HIS A 344 7.79 1.99 5.01
CA HIS A 344 7.89 1.42 3.67
C HIS A 344 8.78 0.18 3.78
N TYR A 345 9.58 -0.10 2.77
CA TYR A 345 10.48 -1.26 2.91
C TYR A 345 11.69 -0.95 3.81
N TYR A 346 12.31 -2.02 4.34
CA TYR A 346 13.48 -1.89 5.18
C TYR A 346 14.19 -3.24 5.18
N ALA A 347 15.46 -3.20 5.63
CA ALA A 347 16.16 -4.47 5.87
C ALA A 347 17.22 -4.21 6.93
N ALA A 348 17.30 -5.08 7.94
CA ALA A 348 18.31 -4.94 8.97
C ALA A 348 19.23 -6.16 8.93
N THR A 349 20.54 -5.93 8.85
CA THR A 349 21.47 -7.04 8.97
C THR A 349 22.48 -6.82 10.09
N SER A 350 22.72 -5.57 10.49
CA SER A 350 23.77 -5.28 11.47
C SER A 350 23.24 -5.00 12.86
N ILE A 351 21.93 -4.69 12.97
CA ILE A 351 21.38 -4.17 14.21
C ILE A 351 19.97 -4.72 14.36
N PRO A 352 19.42 -4.73 15.59
CA PRO A 352 18.04 -5.20 15.77
C PRO A 352 17.11 -4.20 15.07
N LEU A 353 16.06 -4.79 14.51
CA LEU A 353 15.06 -4.00 13.81
C LEU A 353 14.56 -2.82 14.65
N HIS A 354 14.30 -2.96 15.95
CA HIS A 354 13.82 -1.88 16.79
C HIS A 354 14.78 -0.69 16.79
N GLN A 355 16.08 -1.01 16.73
CA GLN A 355 17.07 0.04 16.68
C GLN A 355 17.09 0.75 15.31
N LEU A 356 16.89 0.00 14.21
CA LEU A 356 16.83 0.66 12.90
C LEU A 356 15.58 1.56 12.84
N ILE A 357 14.44 1.07 13.32
CA ILE A 357 13.19 1.79 13.09
C ILE A 357 13.09 2.97 14.05
N LEU A 358 13.76 2.89 15.22
CA LEU A 358 13.86 4.08 16.06
C LEU A 358 14.48 5.26 15.29
N ASP A 359 15.50 4.98 14.49
CA ASP A 359 16.04 6.02 13.62
C ASP A 359 14.99 6.54 12.63
N LEU A 360 14.13 5.65 12.11
CA LEU A 360 13.03 6.07 11.24
C LEU A 360 12.17 7.11 11.96
N LEU A 361 11.77 6.81 13.22
CA LEU A 361 10.92 7.71 13.97
C LEU A 361 11.61 9.04 14.26
N ILE A 362 12.95 8.96 14.51
CA ILE A 362 13.74 10.16 14.77
C ILE A 362 13.80 11.10 13.55
N VAL A 363 14.06 10.49 12.38
CA VAL A 363 14.11 11.25 11.13
C VAL A 363 12.71 11.82 10.87
N ALA A 364 11.67 10.98 10.94
CA ALA A 364 10.35 11.48 10.62
C ALA A 364 10.00 12.65 11.53
N HIS A 365 10.29 12.50 12.82
CA HIS A 365 9.94 13.56 13.73
C HIS A 365 10.70 14.85 13.40
N SER A 366 12.00 14.74 13.10
CA SER A 366 12.82 15.89 12.78
CA SER A 366 12.80 15.92 12.80
C SER A 366 12.27 16.63 11.57
N ARG A 367 11.73 15.87 10.61
CA ARG A 367 11.27 16.41 9.33
C ARG A 367 9.82 16.90 9.42
N GLY A 368 9.26 17.00 10.62
CA GLY A 368 7.96 17.62 10.85
C GLY A 368 6.75 16.72 10.60
N PHE A 369 6.92 15.40 10.60
CA PHE A 369 5.76 14.51 10.62
C PHE A 369 5.08 14.44 11.98
N ASP A 370 3.77 14.19 11.98
CA ASP A 370 2.95 14.19 13.18
C ASP A 370 2.75 12.79 13.75
N VAL A 371 2.82 11.77 12.87
CA VAL A 371 2.48 10.41 13.27
C VAL A 371 3.19 9.52 12.27
N CYS A 372 3.56 8.31 12.71
CA CYS A 372 4.07 7.27 11.85
C CYS A 372 3.11 6.09 11.85
N ASN A 373 2.72 5.58 10.68
CA ASN A 373 1.74 4.52 10.59
C ASN A 373 2.33 3.30 9.87
N MET A 374 1.72 2.13 10.11
CA MET A 374 2.13 0.91 9.42
CA MET A 374 2.13 0.91 9.43
C MET A 374 1.06 -0.17 9.63
N VAL A 375 1.10 -1.16 8.74
CA VAL A 375 0.25 -2.35 8.91
C VAL A 375 1.18 -3.43 9.52
N GLU A 376 0.66 -4.45 10.20
CA GLU A 376 1.51 -5.46 10.85
C GLU A 376 1.99 -6.50 9.83
N ILE A 377 2.47 -6.07 8.65
CA ILE A 377 3.13 -6.94 7.68
C ILE A 377 4.63 -6.95 7.98
N LEU A 378 5.37 -7.70 7.15
CA LEU A 378 6.83 -7.81 7.30
C LEU A 378 7.13 -8.27 8.73
N ASP A 379 8.09 -7.65 9.44
CA ASP A 379 8.36 -7.94 10.84
C ASP A 379 7.97 -6.74 11.69
N ASN A 380 6.93 -6.03 11.22
CA ASN A 380 6.53 -4.82 11.94
C ASN A 380 6.09 -5.04 13.41
N ARG A 381 5.67 -6.27 13.78
CA ARG A 381 5.30 -6.61 15.17
C ARG A 381 6.46 -6.57 16.17
N SER A 382 7.69 -6.74 15.67
CA SER A 382 8.82 -6.84 16.56
CA SER A 382 8.89 -6.81 16.48
C SER A 382 9.16 -5.51 17.21
N PHE A 383 8.65 -4.38 16.66
CA PHE A 383 9.07 -3.16 17.32
C PHE A 383 7.87 -2.36 17.86
N VAL A 384 6.69 -2.98 17.80
CA VAL A 384 5.47 -2.28 18.23
C VAL A 384 5.59 -1.83 19.67
N GLU A 385 5.95 -2.76 20.58
CA GLU A 385 5.93 -2.36 21.98
C GLU A 385 7.07 -1.41 22.35
N GLN A 386 8.29 -1.73 21.91
CA GLN A 386 9.37 -0.91 22.41
C GLN A 386 9.31 0.48 21.77
N LEU A 387 8.77 0.53 20.53
CA LEU A 387 8.73 1.83 19.88
C LEU A 387 7.41 2.58 20.09
N LYS A 388 6.56 2.01 20.95
CA LYS A 388 5.36 2.72 21.40
C LYS A 388 4.34 2.96 20.28
N PHE A 389 4.26 2.04 19.33
CA PHE A 389 3.11 1.97 18.41
C PHE A 389 1.89 1.48 19.17
N GLY A 390 0.72 2.00 18.80
CA GLY A 390 -0.56 1.51 19.28
C GLY A 390 -1.42 0.99 18.12
N ALA A 391 -2.18 -0.11 18.30
CA ALA A 391 -3.13 -0.58 17.30
C ALA A 391 -4.24 0.44 17.07
N GLY A 392 -4.57 0.65 15.78
CA GLY A 392 -5.63 1.53 15.35
C GLY A 392 -6.97 0.77 15.31
N ASP A 393 -7.99 1.48 14.83
CA ASP A 393 -9.36 0.89 14.75
CA ASP A 393 -9.36 0.87 14.81
C ASP A 393 -9.85 -0.04 13.59
N GLY A 394 -8.86 -0.41 12.76
CA GLY A 394 -9.27 -1.25 11.64
C GLY A 394 -8.14 -2.13 11.13
N HIS A 395 -8.29 -2.60 9.88
CA HIS A 395 -7.39 -3.58 9.30
C HIS A 395 -7.19 -3.23 7.83
N LEU A 396 -5.99 -3.52 7.31
CA LEU A 396 -5.84 -3.55 5.88
C LEU A 396 -5.91 -5.00 5.42
N ARG A 397 -6.77 -5.28 4.46
CA ARG A 397 -7.03 -6.62 3.93
C ARG A 397 -6.32 -6.74 2.59
N TYR A 398 -5.67 -7.90 2.35
CA TYR A 398 -4.99 -8.19 1.11
C TYR A 398 -5.79 -9.18 0.27
N TYR A 399 -5.86 -8.90 -1.00
CA TYR A 399 -6.69 -9.67 -1.93
C TYR A 399 -5.97 -9.97 -3.25
N PHE A 400 -6.32 -11.11 -3.88
CA PHE A 400 -5.97 -11.37 -5.26
C PHE A 400 -7.21 -11.48 -6.12
N TYR A 401 -7.06 -11.10 -7.37
CA TYR A 401 -8.06 -11.35 -8.39
C TYR A 401 -7.57 -12.54 -9.20
N ASN A 402 -8.39 -13.59 -9.27
CA ASN A 402 -8.11 -14.75 -10.13
C ASN A 402 -6.87 -15.49 -9.62
N TRP A 403 -6.79 -15.69 -8.33
CA TRP A 403 -5.71 -16.45 -7.71
C TRP A 403 -6.21 -17.12 -6.45
N ALA A 404 -6.34 -18.44 -6.52
CA ALA A 404 -6.61 -19.18 -5.32
C ALA A 404 -5.36 -19.14 -4.45
N TYR A 405 -5.53 -18.85 -3.17
CA TYR A 405 -4.40 -18.73 -2.24
C TYR A 405 -4.80 -19.10 -0.82
N PRO A 406 -4.10 -19.99 -0.09
CA PRO A 406 -4.48 -20.32 1.29
C PRO A 406 -4.30 -19.10 2.18
N LYS A 407 -5.09 -19.00 3.27
CA LYS A 407 -4.94 -17.93 4.28
C LYS A 407 -3.53 -17.92 4.86
N ILE A 408 -2.91 -16.73 4.88
CA ILE A 408 -1.64 -16.60 5.56
C ILE A 408 -1.74 -15.48 6.58
N LYS A 409 -0.86 -15.53 7.57
CA LYS A 409 -0.73 -14.48 8.56
C LYS A 409 -0.20 -13.22 7.85
N PRO A 410 -0.50 -12.02 8.35
CA PRO A 410 0.07 -10.82 7.69
C PRO A 410 1.60 -10.75 7.82
N SER A 411 2.15 -11.42 8.84
CA SER A 411 3.59 -11.42 9.06
C SER A 411 4.28 -12.31 8.04
N GLN A 412 3.50 -12.84 7.09
CA GLN A 412 3.98 -13.59 5.93
C GLN A 412 3.82 -12.79 4.64
N VAL A 413 3.38 -11.51 4.77
CA VAL A 413 3.19 -10.63 3.64
C VAL A 413 4.29 -9.56 3.61
N ALA A 414 4.90 -9.37 2.42
CA ALA A 414 6.01 -8.42 2.27
C ALA A 414 5.73 -7.39 1.16
N LEU A 415 4.48 -7.31 0.66
CA LEU A 415 4.11 -6.25 -0.28
C LEU A 415 3.51 -5.03 0.43
N VAL A 416 4.21 -3.88 0.35
CA VAL A 416 3.66 -2.62 0.88
C VAL A 416 2.77 -2.00 -0.18
N MET A 417 1.52 -1.64 0.18
CA MET A 417 0.69 -0.99 -0.82
C MET A 417 0.41 0.46 -0.41
N LEU A 418 0.66 1.36 -1.36
CA LEU A 418 0.62 2.79 -1.08
C LEU A 418 -0.81 3.28 -0.84
S1 MYA B . -9.25 0.40 -1.97
C2 MYA B . -9.83 2.10 -1.82
C3 MYA B . -11.26 2.22 -2.28
N4 MYA B . -11.61 3.66 -2.39
C5 MYA B . -12.32 4.31 -1.47
O5 MYA B . -12.71 3.79 -0.44
C6 MYA B . -12.58 5.77 -1.79
C7 MYA B . -13.98 6.22 -1.29
N8 MYA B . -15.05 5.42 -1.81
C9 MYA B . -15.40 5.37 -3.09
O9 MYA B . -14.84 6.05 -3.92
C10 MYA B . -16.53 4.48 -3.48
O10 MYA B . -17.29 4.16 -2.29
C11 MYA B . -16.08 3.12 -4.11
C12 MYA B . -17.28 2.21 -4.28
C13 MYA B . -15.04 2.40 -3.19
C14 MYA B . -15.44 3.33 -5.46
N1A MYA B . -12.97 -2.49 -3.66
O1A MYA B . -20.35 1.79 -7.47
P1A MYA B . -20.97 1.07 -6.38
C1X MYA B . -18.00 -3.06 -4.33
C2A MYA B . -13.67 -3.30 -4.48
O2A MYA B . -22.50 1.13 -6.33
P2A MYA B . -19.75 3.00 -4.57
C2M MYA B . -8.68 0.32 -3.59
O2M MYA B . -8.40 1.28 -4.31
C2X MYA B . -19.16 -3.40 -3.44
O2X MYA B . -18.93 -4.54 -2.62
N3A MYA B . -15.01 -3.37 -4.55
O3A MYA B . -20.45 1.63 -4.94
C3M MYA B . -8.57 -1.11 -4.14
C3X MYA B . -20.25 -3.61 -4.49
O3X MYA B . -20.17 -4.87 -5.16
P3X MYA B . -21.21 -6.03 -4.75
C4A MYA B . -15.67 -2.51 -3.74
O4A MYA B . -19.73 3.04 -3.10
C4M MYA B . -9.69 -1.36 -5.14
C4X MYA B . -19.95 -2.57 -5.50
O4X MYA B . -18.56 -2.15 -5.26
C5A MYA B . -15.03 -1.63 -2.90
O5A MYA B . -20.28 4.11 -5.34
C5M MYA B . -9.68 -2.81 -5.70
C5X MYA B . -20.80 -1.33 -5.34
O5X MYA B . -20.47 -0.45 -6.38
C6A MYA B . -13.62 -1.63 -2.86
N6A MYA B . -12.89 -0.83 -2.10
O6A MYA B . -18.24 2.88 -5.09
C6M MYA B . -10.75 -2.96 -6.79
N7A MYA B . -15.96 -0.90 -2.24
O7A MYA B . -20.96 -6.22 -3.33
C7M MYA B . -10.85 -4.41 -7.29
C8A MYA B . -17.14 -1.35 -2.67
O8A MYA B . -22.60 -5.45 -5.03
C8M MYA B . -9.85 -4.67 -8.40
N9A MYA B . -16.96 -2.34 -3.58
O9A MYA B . -20.87 -7.30 -5.51
C9M MYA B . -9.96 -6.16 -8.93
CAM MYA B . -8.83 -6.50 -9.91
CBM MYA B . -9.04 -5.82 -11.22
CCM MYA B . -7.89 -6.08 -12.21
CDM MYA B . -7.82 -7.60 -12.59
CEM MYA B . -6.79 -7.74 -13.76
CFM MYA B . -6.47 -9.19 -13.99
MG MG C . -21.52 4.38 -8.19
C3 NZB D . -6.19 2.51 1.47
C2 NZB D . -5.06 2.94 0.59
C1 NZB D . -3.46 1.08 0.85
N1 NZB D . -7.47 2.25 1.14
C6 NZB D . -6.54 1.87 5.55
C5 NZB D . -7.67 1.75 4.71
C4 NZB D . -7.45 1.98 3.32
C7 NZB D . -5.27 2.25 5.11
C16 NZB D . -5.47 4.21 8.88
C17 NZB D . -6.94 4.61 8.94
C18 NZB D . -7.32 5.68 7.97
C15 NZB D . -4.15 2.94 7.31
C14 NZB D . -3.01 2.98 8.14
C19 NZB D . -8.02 5.30 6.80
C10 NZB D . -4.07 2.33 6.02
C9 NZB D . -6.11 2.34 2.91
C8 NZB D . -5.06 2.51 3.81
C13 NZB D . -1.91 2.30 7.66
C12 NZB D . -1.81 1.65 6.44
C11 NZB D . -2.94 1.64 5.60
N2 NZB D . -8.24 1.89 2.22
F NZB D . -0.74 2.29 8.36
N NZB D . -4.26 1.88 -0.09
C NZB D . -5.13 1.12 -1.01
O NZB D . -5.28 3.57 7.62
C22 NZB D . -6.97 7.01 8.20
N3 NZB D . -7.30 8.01 7.34
C21 NZB D . -7.97 7.68 6.21
C20 NZB D . -8.34 6.37 5.96
#